data_7F14
#
_entry.id   7F14
#
_cell.length_a   104.094
_cell.length_b   104.094
_cell.length_c   138.681
_cell.angle_alpha   90.000
_cell.angle_beta   90.000
_cell.angle_gamma   120.000
#
_symmetry.space_group_name_H-M   'P 63 2 2'
#
loop_
_entity.id
_entity.type
_entity.pdbx_description
1 polymer Dcr3
2 non-polymer 'methyl 2-[2,6-bis(oxidanyl)phenyl]carbonyl-5-methyl-3-oxidanyl-benzoate'
3 water water
#
_entity_poly.entity_id   1
_entity_poly.type   'polypeptide(L)'
_entity_poly.pdbx_seq_one_letter_code
;MGSSHHHHHHSSGLVPRGSHMPAPAHVQRATIDAFLDGWDKWTPEAFLATWSEDCTQKTLPYSHNVPIRDRANTNHLFPI
LMSIMDNFQLKTHNIVHDAAENKAAVYCSTTADTPFGPYTNEHAIFLWFNEAGDKIVKIEEMFDQFTMKDFAPQLEKYAQ
FIDKKNARASKA
;
_entity_poly.pdbx_strand_id   A,B
#
loop_
_chem_comp.id
_chem_comp.type
_chem_comp.name
_chem_comp.formula
0BJ non-polymer 'methyl 2-[2,6-bis(oxidanyl)phenyl]carbonyl-5-methyl-3-oxidanyl-benzoate' 'C16 H14 O6'
#
# COMPACT_ATOMS: atom_id res chain seq x y z
N PRO A 22 14.78 -19.44 -8.99
CA PRO A 22 13.55 -19.07 -8.27
C PRO A 22 12.47 -20.13 -8.38
N ALA A 23 11.95 -20.58 -7.24
CA ALA A 23 10.98 -21.66 -7.11
C ALA A 23 9.79 -21.49 -8.05
N PRO A 24 9.06 -22.56 -8.37
CA PRO A 24 7.90 -22.41 -9.28
C PRO A 24 6.77 -21.64 -8.63
N ALA A 25 5.98 -20.99 -9.49
CA ALA A 25 4.86 -20.16 -9.05
C ALA A 25 4.02 -20.87 -8.00
N HIS A 26 3.51 -22.05 -8.32
CA HIS A 26 2.55 -22.72 -7.45
C HIS A 26 3.10 -22.96 -6.05
N VAL A 27 4.44 -22.94 -5.89
CA VAL A 27 5.02 -23.16 -4.57
C VAL A 27 5.00 -21.87 -3.76
N GLN A 28 5.42 -20.76 -4.40
CA GLN A 28 5.29 -19.44 -3.80
C GLN A 28 3.83 -19.16 -3.44
N ARG A 29 2.95 -19.38 -4.41
CA ARG A 29 1.52 -19.16 -4.18
C ARG A 29 1.05 -19.94 -2.97
N ALA A 30 1.57 -21.16 -2.80
CA ALA A 30 1.21 -21.96 -1.64
C ALA A 30 1.68 -21.28 -0.35
N THR A 31 2.86 -20.66 -0.39
CA THR A 31 3.35 -19.94 0.78
C THR A 31 2.45 -18.73 1.09
N ILE A 32 2.08 -17.96 0.05
CA ILE A 32 1.13 -16.85 0.20
C ILE A 32 -0.14 -17.30 0.93
N ASP A 33 -0.78 -18.36 0.42
CA ASP A 33 -2.03 -18.83 0.99
C ASP A 33 -1.87 -19.28 2.44
N ALA A 34 -0.76 -19.96 2.73
CA ALA A 34 -0.56 -20.42 4.11
C ALA A 34 -0.32 -19.25 5.04
N PHE A 35 0.31 -18.20 4.54
CA PHE A 35 0.46 -16.96 5.30
C PHE A 35 -0.91 -16.33 5.58
N LEU A 36 -1.73 -16.15 4.53
CA LEU A 36 -3.06 -15.56 4.71
C LEU A 36 -3.94 -16.42 5.62
N ASP A 37 -3.87 -17.75 5.45
CA ASP A 37 -4.71 -18.63 6.26
C ASP A 37 -4.26 -18.65 7.71
N GLY A 38 -2.94 -18.69 7.93
CA GLY A 38 -2.43 -18.55 9.28
C GLY A 38 -2.80 -17.20 9.88
N TRP A 39 -2.81 -16.15 9.05
CA TRP A 39 -3.29 -14.86 9.51
C TRP A 39 -4.75 -14.97 9.96
N ASP A 40 -5.62 -15.48 9.09
CA ASP A 40 -7.03 -15.65 9.48
C ASP A 40 -7.16 -16.58 10.69
N LYS A 41 -6.37 -17.65 10.75
CA LYS A 41 -6.48 -18.56 11.88
C LYS A 41 -6.14 -17.86 13.19
N TRP A 42 -5.27 -16.85 13.14
CA TRP A 42 -5.08 -15.93 14.26
C TRP A 42 -4.58 -16.66 15.50
N THR A 43 -3.55 -17.47 15.30
CA THR A 43 -2.71 -17.94 16.39
C THR A 43 -1.26 -17.63 16.02
N PRO A 44 -0.38 -17.46 17.02
CA PRO A 44 1.02 -17.17 16.68
C PRO A 44 1.65 -18.25 15.82
N GLU A 45 1.54 -19.51 16.25
CA GLU A 45 2.20 -20.59 15.53
C GLU A 45 1.67 -20.70 14.10
N ALA A 46 0.35 -20.60 13.92
CA ALA A 46 -0.21 -20.69 12.57
C ALA A 46 0.32 -19.58 11.67
N PHE A 47 0.30 -18.33 12.17
CA PHE A 47 0.65 -17.19 11.33
C PHE A 47 2.14 -17.12 11.07
N LEU A 48 2.96 -17.45 12.07
CA LEU A 48 4.41 -17.31 11.97
C LEU A 48 5.05 -18.53 11.32
N ALA A 49 4.24 -19.54 10.97
CA ALA A 49 4.81 -20.76 10.38
C ALA A 49 5.52 -20.45 9.08
N THR A 50 4.99 -19.52 8.28
CA THR A 50 5.57 -19.21 6.98
C THR A 50 6.62 -18.11 7.01
N TRP A 51 6.97 -17.59 8.18
CA TRP A 51 8.02 -16.56 8.28
C TRP A 51 9.35 -17.24 8.56
N SER A 52 10.38 -16.89 7.78
CA SER A 52 11.72 -17.40 8.05
C SER A 52 12.24 -16.85 9.38
N GLU A 53 13.44 -17.30 9.79
CA GLU A 53 14.01 -16.87 11.07
C GLU A 53 14.51 -15.44 11.04
N ASP A 54 14.80 -14.93 9.86
CA ASP A 54 15.28 -13.56 9.68
C ASP A 54 14.23 -12.63 9.09
N CYS A 55 12.97 -13.07 8.96
CA CYS A 55 11.97 -12.27 8.28
C CYS A 55 11.69 -11.00 9.07
N THR A 56 11.94 -9.86 8.45
CA THR A 56 11.70 -8.55 9.06
C THR A 56 10.32 -8.04 8.63
N GLN A 57 9.71 -7.22 9.48
CA GLN A 57 8.49 -6.49 9.12
C GLN A 57 8.76 -5.00 9.24
N LYS A 58 8.60 -4.29 8.13
CA LYS A 58 8.84 -2.86 8.07
C LYS A 58 7.52 -2.16 7.79
N THR A 59 7.16 -1.21 8.65
CA THR A 59 5.94 -0.43 8.40
C THR A 59 6.24 0.73 7.45
N LEU A 60 5.51 0.79 6.34
CA LEU A 60 5.51 1.92 5.43
C LEU A 60 4.43 2.92 5.84
N PRO A 61 4.53 4.20 5.44
CA PRO A 61 5.58 4.86 4.66
C PRO A 61 6.87 5.02 5.42
N TYR A 62 7.99 5.10 4.69
CA TYR A 62 9.29 5.32 5.34
C TYR A 62 9.29 6.60 6.16
N SER A 63 8.65 7.66 5.64
CA SER A 63 8.60 8.94 6.33
C SER A 63 8.00 8.87 7.73
N HIS A 64 7.25 7.82 8.07
CA HIS A 64 6.72 7.77 9.43
C HIS A 64 7.72 7.22 10.45
N ASN A 65 8.90 6.80 9.99
CA ASN A 65 10.00 6.42 10.85
C ASN A 65 9.57 5.38 11.89
N VAL A 66 8.93 4.31 11.41
CA VAL A 66 8.55 3.20 12.27
C VAL A 66 9.65 2.13 12.13
N PRO A 67 10.40 1.85 13.19
CA PRO A 67 11.60 1.01 13.06
C PRO A 67 11.24 -0.40 12.58
N ILE A 68 12.06 -0.90 11.67
CA ILE A 68 11.92 -2.27 11.20
C ILE A 68 11.96 -3.22 12.40
N ARG A 69 11.19 -4.29 12.30
CA ARG A 69 10.88 -5.16 13.42
C ARG A 69 11.50 -6.52 13.11
N ASP A 70 12.41 -6.99 13.99
CA ASP A 70 12.99 -8.31 13.75
C ASP A 70 12.10 -9.38 14.36
N ARG A 71 12.53 -10.62 14.15
CA ARG A 71 11.71 -11.78 14.43
C ARG A 71 11.52 -11.97 15.94
N ALA A 72 12.53 -11.63 16.75
CA ALA A 72 12.34 -11.67 18.19
C ALA A 72 11.30 -10.66 18.64
N ASN A 73 11.28 -9.49 18.00
CA ASN A 73 10.27 -8.48 18.25
C ASN A 73 8.85 -9.03 17.99
N THR A 74 8.62 -9.56 16.79
CA THR A 74 7.28 -10.02 16.42
C THR A 74 6.88 -11.30 17.16
N ASN A 75 7.82 -12.24 17.37
CA ASN A 75 7.53 -13.38 18.25
C ASN A 75 7.07 -12.93 19.63
N HIS A 76 7.59 -11.82 20.14
CA HIS A 76 7.12 -11.36 21.45
C HIS A 76 5.81 -10.59 21.35
N LEU A 77 5.58 -9.89 20.23
CA LEU A 77 4.39 -9.06 20.09
C LEU A 77 3.14 -9.90 19.78
N PHE A 78 3.23 -10.79 18.77
CA PHE A 78 2.03 -11.43 18.23
C PHE A 78 1.20 -12.22 19.25
N PRO A 79 1.77 -13.02 20.15
CA PRO A 79 0.94 -13.60 21.22
C PRO A 79 0.13 -12.56 21.98
N ILE A 80 0.77 -11.49 22.45
CA ILE A 80 0.07 -10.42 23.17
C ILE A 80 -0.98 -9.77 22.26
N LEU A 81 -0.57 -9.38 21.05
CA LEU A 81 -1.47 -8.77 20.09
C LEU A 81 -2.71 -9.63 19.84
N MET A 82 -2.50 -10.91 19.54
CA MET A 82 -3.67 -11.72 19.18
C MET A 82 -4.60 -11.91 20.36
N SER A 83 -4.06 -11.96 21.58
CA SER A 83 -4.89 -12.17 22.75
C SER A 83 -5.87 -11.04 23.01
N ILE A 84 -5.66 -9.86 22.42
CA ILE A 84 -6.54 -8.72 22.66
C ILE A 84 -7.32 -8.33 21.40
N MET A 85 -7.41 -9.26 20.44
CA MET A 85 -8.21 -9.07 19.24
C MET A 85 -9.11 -10.31 19.11
N ASP A 86 -10.37 -10.19 19.50
CA ASP A 86 -11.29 -11.32 19.37
C ASP A 86 -12.27 -11.08 18.24
N ASN A 87 -12.81 -12.18 17.72
CA ASN A 87 -13.57 -12.17 16.47
C ASN A 87 -12.75 -11.60 15.32
N PHE A 88 -11.47 -11.98 15.27
CA PHE A 88 -10.63 -11.50 14.18
C PHE A 88 -11.09 -12.11 12.85
N GLN A 89 -11.39 -11.25 11.88
CA GLN A 89 -11.79 -11.72 10.56
C GLN A 89 -10.90 -11.05 9.54
N LEU A 90 -10.20 -11.85 8.75
CA LEU A 90 -9.37 -11.36 7.66
C LEU A 90 -10.13 -11.48 6.34
N LYS A 91 -9.96 -10.49 5.48
CA LYS A 91 -10.57 -10.50 4.16
C LYS A 91 -9.50 -10.11 3.14
N THR A 92 -9.31 -10.94 2.12
CA THR A 92 -8.31 -10.68 1.10
C THR A 92 -8.99 -10.16 -0.16
N HIS A 93 -8.54 -9.01 -0.65
CA HIS A 93 -9.16 -8.35 -1.81
C HIS A 93 -8.38 -8.50 -3.10
N ASN A 94 -7.06 -8.66 -3.01
CA ASN A 94 -6.23 -8.62 -4.20
C ASN A 94 -4.93 -9.36 -3.91
N ILE A 95 -4.55 -10.30 -4.78
CA ILE A 95 -3.24 -10.93 -4.72
C ILE A 95 -2.53 -10.63 -6.03
N VAL A 96 -1.39 -9.95 -5.95
CA VAL A 96 -0.52 -9.69 -7.09
C VAL A 96 0.72 -10.55 -6.91
N HIS A 97 0.86 -11.58 -7.75
CA HIS A 97 1.97 -12.53 -7.65
C HIS A 97 2.96 -12.27 -8.78
N ASP A 98 4.21 -12.03 -8.42
CA ASP A 98 5.32 -11.88 -9.37
C ASP A 98 6.24 -13.09 -9.19
N ALA A 99 5.85 -14.23 -9.79
CA ALA A 99 6.59 -15.47 -9.57
C ALA A 99 8.01 -15.37 -10.12
N ALA A 100 8.18 -14.73 -11.29
CA ALA A 100 9.52 -14.54 -11.83
C ALA A 100 10.44 -13.82 -10.84
N GLU A 101 9.93 -12.82 -10.11
CA GLU A 101 10.79 -12.11 -9.16
C GLU A 101 10.71 -12.63 -7.73
N ASN A 102 9.98 -13.72 -7.48
CA ASN A 102 9.95 -14.30 -6.13
C ASN A 102 9.36 -13.32 -5.11
N LYS A 103 8.37 -12.54 -5.57
CA LYS A 103 7.77 -11.40 -4.88
C LYS A 103 6.25 -11.46 -4.93
N ALA A 104 5.61 -10.71 -4.03
CA ALA A 104 4.16 -10.56 -4.05
C ALA A 104 3.72 -9.25 -3.39
N ALA A 105 2.45 -8.93 -3.60
CA ALA A 105 1.78 -7.83 -2.92
C ALA A 105 0.32 -8.23 -2.75
N VAL A 106 -0.21 -8.06 -1.53
CA VAL A 106 -1.62 -8.33 -1.28
C VAL A 106 -2.30 -7.07 -0.75
N TYR A 107 -3.62 -7.01 -0.90
CA TYR A 107 -4.43 -6.01 -0.22
C TYR A 107 -5.47 -6.72 0.64
N CYS A 108 -5.45 -6.44 1.94
CA CYS A 108 -6.32 -7.09 2.90
C CYS A 108 -7.02 -6.07 3.79
N SER A 109 -8.12 -6.51 4.41
CA SER A 109 -8.87 -5.73 5.39
C SER A 109 -9.20 -6.64 6.56
N THR A 110 -9.35 -6.05 7.74
CA THR A 110 -9.51 -6.82 8.98
C THR A 110 -10.47 -6.09 9.90
N THR A 111 -11.14 -6.88 10.75
CA THR A 111 -11.94 -6.36 11.85
C THR A 111 -11.72 -7.24 13.06
N ALA A 112 -11.86 -6.65 14.24
CA ALA A 112 -11.81 -7.38 15.49
C ALA A 112 -12.40 -6.51 16.59
N ASP A 113 -12.70 -7.14 17.71
CA ASP A 113 -13.08 -6.46 18.95
C ASP A 113 -11.85 -6.42 19.85
N THR A 114 -11.52 -5.23 20.35
CA THR A 114 -10.36 -5.12 21.23
C THR A 114 -10.75 -4.54 22.58
N PRO A 115 -9.90 -4.66 23.61
CA PRO A 115 -10.17 -3.97 24.89
C PRO A 115 -10.36 -2.46 24.76
N PHE A 116 -10.04 -1.87 23.61
CA PHE A 116 -10.12 -0.43 23.38
C PHE A 116 -11.31 -0.03 22.54
N GLY A 117 -12.16 -0.99 22.15
CA GLY A 117 -13.24 -0.73 21.23
C GLY A 117 -13.04 -1.47 19.92
N PRO A 118 -13.94 -1.23 18.96
CA PRO A 118 -13.84 -1.93 17.68
C PRO A 118 -12.61 -1.48 16.92
N TYR A 119 -11.98 -2.45 16.25
CA TYR A 119 -10.78 -2.23 15.47
C TYR A 119 -11.08 -2.60 14.02
N THR A 120 -10.68 -1.73 13.10
CA THR A 120 -10.65 -2.02 11.67
C THR A 120 -9.31 -1.59 11.11
N ASN A 121 -8.86 -2.30 10.07
CA ASN A 121 -7.63 -1.89 9.40
C ASN A 121 -7.65 -2.42 7.97
N GLU A 122 -6.79 -1.82 7.13
CA GLU A 122 -6.56 -2.31 5.79
C GLU A 122 -5.05 -2.30 5.57
N HIS A 123 -4.58 -3.15 4.65
CA HIS A 123 -3.15 -3.47 4.56
C HIS A 123 -2.77 -3.64 3.10
N ALA A 124 -1.79 -2.86 2.67
CA ALA A 124 -1.06 -3.14 1.43
C ALA A 124 0.26 -3.76 1.85
N ILE A 125 0.46 -5.03 1.49
CA ILE A 125 1.55 -5.83 2.05
C ILE A 125 2.40 -6.33 0.91
N PHE A 126 3.70 -6.09 1.01
CA PHE A 126 4.67 -6.57 0.04
C PHE A 126 5.46 -7.72 0.65
N LEU A 127 5.49 -8.84 -0.05
CA LEU A 127 6.15 -10.05 0.41
C LEU A 127 7.32 -10.40 -0.50
N TRP A 128 8.36 -10.96 0.11
CA TRP A 128 9.46 -11.59 -0.62
C TRP A 128 9.65 -12.99 -0.05
N PHE A 129 9.85 -13.97 -0.93
CA PHE A 129 10.02 -15.36 -0.55
C PHE A 129 11.50 -15.76 -0.57
N ASN A 130 11.81 -16.87 0.10
CA ASN A 130 13.17 -17.39 0.11
C ASN A 130 13.43 -18.14 -1.20
N GLU A 131 14.68 -18.61 -1.36
CA GLU A 131 15.08 -19.38 -2.54
C GLU A 131 14.11 -20.53 -2.82
N ALA A 132 13.84 -21.35 -1.80
CA ALA A 132 12.95 -22.51 -1.92
C ALA A 132 11.49 -22.12 -2.16
N GLY A 133 11.13 -20.85 -1.94
CA GLY A 133 9.74 -20.43 -2.11
C GLY A 133 8.77 -20.98 -1.09
N ASP A 134 9.25 -21.39 0.09
CA ASP A 134 8.39 -21.98 1.10
C ASP A 134 8.35 -21.17 2.40
N LYS A 135 9.13 -20.09 2.50
CA LYS A 135 9.04 -19.16 3.63
C LYS A 135 9.00 -17.74 3.08
N ILE A 136 8.39 -16.84 3.85
CA ILE A 136 8.45 -15.42 3.55
C ILE A 136 9.63 -14.84 4.32
N VAL A 137 10.37 -13.98 3.64
CA VAL A 137 11.67 -13.55 4.12
C VAL A 137 11.69 -12.06 4.46
N LYS A 138 10.82 -11.27 3.86
CA LYS A 138 10.77 -9.83 4.10
C LYS A 138 9.34 -9.36 3.92
N ILE A 139 8.89 -8.50 4.84
CA ILE A 139 7.55 -7.93 4.78
C ILE A 139 7.64 -6.42 4.92
N GLU A 140 6.99 -5.71 3.99
CA GLU A 140 6.79 -4.27 4.06
C GLU A 140 5.31 -4.00 3.83
N GLU A 141 4.74 -3.10 4.63
CA GLU A 141 3.29 -2.98 4.67
C GLU A 141 2.88 -1.55 4.98
N MET A 142 1.83 -1.12 4.30
CA MET A 142 1.18 0.15 4.53
C MET A 142 -0.22 -0.15 5.04
N PHE A 143 -0.66 0.59 6.05
CA PHE A 143 -1.97 0.29 6.61
C PHE A 143 -2.78 1.56 6.82
N ASP A 144 -3.96 1.43 7.45
CA ASP A 144 -4.79 2.57 7.82
C ASP A 144 -4.08 3.31 8.94
N GLN A 145 -3.41 4.41 8.60
CA GLN A 145 -2.61 5.12 9.58
C GLN A 145 -3.46 5.81 10.63
N PHE A 146 -4.71 6.13 10.31
CA PHE A 146 -5.57 6.73 11.33
C PHE A 146 -5.99 5.71 12.38
N THR A 147 -6.24 4.46 11.97
CA THR A 147 -6.45 3.42 12.96
C THR A 147 -5.20 3.24 13.81
N MET A 148 -4.03 3.21 13.17
CA MET A 148 -2.81 2.88 13.88
C MET A 148 -2.38 3.99 14.83
N LYS A 149 -2.58 5.26 14.45
CA LYS A 149 -2.25 6.39 15.34
C LYS A 149 -2.82 6.20 16.75
N ASP A 150 -4.05 5.71 16.85
CA ASP A 150 -4.67 5.49 18.15
C ASP A 150 -4.33 4.13 18.76
N PHE A 151 -4.16 3.10 17.94
CA PHE A 151 -4.06 1.73 18.44
C PHE A 151 -2.64 1.35 18.85
N ALA A 152 -1.64 1.70 18.04
CA ALA A 152 -0.25 1.39 18.40
C ALA A 152 0.11 1.82 19.82
N PRO A 153 -0.21 3.02 20.30
CA PRO A 153 0.11 3.34 21.70
C PRO A 153 -0.72 2.55 22.69
N GLN A 154 -1.98 2.26 22.38
CA GLN A 154 -2.71 1.37 23.26
C GLN A 154 -2.07 -0.01 23.32
N LEU A 155 -1.58 -0.51 22.17
CA LEU A 155 -0.98 -1.83 22.16
C LEU A 155 0.33 -1.84 22.91
N GLU A 156 1.12 -0.78 22.75
CA GLU A 156 2.43 -0.71 23.37
C GLU A 156 2.32 -0.72 24.89
N LYS A 157 1.41 0.09 25.45
CA LYS A 157 1.23 0.07 26.90
C LYS A 157 0.68 -1.27 27.37
N TYR A 158 -0.24 -1.86 26.61
CA TYR A 158 -0.71 -3.20 26.96
C TYR A 158 0.45 -4.20 27.01
N ALA A 159 1.29 -4.19 25.96
CA ALA A 159 2.45 -5.08 25.95
C ALA A 159 3.35 -4.86 27.17
N GLN A 160 3.68 -3.60 27.48
CA GLN A 160 4.48 -3.33 28.67
C GLN A 160 3.81 -3.87 29.93
N PHE A 161 2.48 -3.86 29.99
CA PHE A 161 1.82 -4.37 31.19
C PHE A 161 1.93 -5.89 31.29
N ILE A 162 1.83 -6.59 30.16
CA ILE A 162 2.07 -8.04 30.15
C ILE A 162 3.52 -8.34 30.51
N ASP A 163 4.47 -7.56 29.98
CA ASP A 163 5.88 -7.74 30.33
C ASP A 163 6.11 -7.65 31.84
N LYS A 164 5.72 -6.52 32.46
CA LYS A 164 5.90 -6.38 33.91
C LYS A 164 5.19 -7.51 34.66
N LYS A 165 3.98 -7.86 34.24
CA LYS A 165 3.24 -8.91 34.94
C LYS A 165 3.98 -10.24 34.88
N ASN A 166 4.60 -10.56 33.75
CA ASN A 166 5.34 -11.81 33.62
C ASN A 166 6.62 -11.81 34.45
N ALA A 167 7.38 -10.71 34.38
CA ALA A 167 8.64 -10.65 35.13
C ALA A 167 8.42 -10.82 36.62
N ARG A 168 7.31 -10.32 37.14
CA ARG A 168 6.98 -10.49 38.55
C ARG A 168 6.80 -11.96 38.93
N ALA A 169 6.41 -12.80 37.98
CA ALA A 169 6.11 -14.21 38.26
C ALA A 169 6.97 -15.16 37.43
N PRO B 22 -4.97 -12.58 -22.32
CA PRO B 22 -4.06 -11.69 -21.58
C PRO B 22 -2.76 -11.41 -22.34
N ALA B 23 -2.43 -10.12 -22.51
CA ALA B 23 -1.29 -9.69 -23.30
C ALA B 23 0.04 -10.23 -22.73
N PRO B 24 1.10 -10.23 -23.55
CA PRO B 24 2.39 -10.74 -23.06
C PRO B 24 2.99 -9.84 -21.98
N ALA B 25 3.79 -10.49 -21.11
CA ALA B 25 4.32 -9.81 -19.94
C ALA B 25 5.11 -8.56 -20.31
N HIS B 26 5.90 -8.62 -21.38
CA HIS B 26 6.69 -7.45 -21.76
C HIS B 26 5.82 -6.28 -22.21
N VAL B 27 4.65 -6.53 -22.77
CA VAL B 27 3.81 -5.41 -23.19
C VAL B 27 3.16 -4.75 -21.98
N GLN B 28 2.72 -5.55 -21.01
CA GLN B 28 2.22 -5.00 -19.76
C GLN B 28 3.32 -4.25 -19.02
N ARG B 29 4.54 -4.80 -19.00
CA ARG B 29 5.63 -4.10 -18.36
C ARG B 29 5.94 -2.77 -19.03
N ALA B 30 5.69 -2.67 -20.34
CA ALA B 30 5.95 -1.43 -21.06
C ALA B 30 4.99 -0.32 -20.59
N THR B 31 3.73 -0.67 -20.36
CA THR B 31 2.76 0.28 -19.83
C THR B 31 3.15 0.75 -18.43
N ILE B 32 3.55 -0.18 -17.55
CA ILE B 32 4.08 0.17 -16.23
C ILE B 32 5.21 1.17 -16.36
N ASP B 33 6.19 0.88 -17.22
CA ASP B 33 7.35 1.74 -17.35
C ASP B 33 6.96 3.11 -17.87
N ALA B 34 5.99 3.16 -18.80
CA ALA B 34 5.54 4.44 -19.33
C ALA B 34 4.77 5.25 -18.30
N PHE B 35 3.90 4.57 -17.55
CA PHE B 35 3.19 5.18 -16.42
C PHE B 35 4.15 5.87 -15.46
N LEU B 36 5.16 5.13 -14.98
CA LEU B 36 6.12 5.69 -14.04
C LEU B 36 6.99 6.76 -14.70
N ASP B 37 7.34 6.58 -15.96
CA ASP B 37 8.14 7.58 -16.64
C ASP B 37 7.33 8.86 -16.88
N GLY B 38 6.05 8.70 -17.23
CA GLY B 38 5.19 9.86 -17.38
C GLY B 38 4.96 10.59 -16.07
N TRP B 39 4.74 9.84 -15.00
CA TRP B 39 4.70 10.42 -13.66
C TRP B 39 5.95 11.22 -13.38
N ASP B 40 7.12 10.60 -13.57
CA ASP B 40 8.40 11.29 -13.38
C ASP B 40 8.49 12.56 -14.22
N LYS B 41 8.02 12.52 -15.47
CA LYS B 41 8.17 13.69 -16.32
C LYS B 41 7.25 14.83 -15.90
N TRP B 42 6.17 14.53 -15.16
CA TRP B 42 5.40 15.55 -14.45
C TRP B 42 4.78 16.57 -15.41
N THR B 43 4.14 16.07 -16.46
CA THR B 43 3.27 16.89 -17.28
C THR B 43 1.96 16.14 -17.45
N PRO B 44 0.84 16.86 -17.62
CA PRO B 44 -0.44 16.15 -17.79
C PRO B 44 -0.42 15.16 -18.94
N GLU B 45 0.16 15.55 -20.07
CA GLU B 45 0.15 14.70 -21.26
C GLU B 45 0.99 13.45 -21.06
N ALA B 46 2.20 13.61 -20.52
CA ALA B 46 3.10 12.46 -20.38
C ALA B 46 2.52 11.42 -19.42
N PHE B 47 2.07 11.85 -18.23
CA PHE B 47 1.60 10.89 -17.25
C PHE B 47 0.31 10.22 -17.69
N LEU B 48 -0.60 10.97 -18.31
CA LEU B 48 -1.92 10.44 -18.63
C LEU B 48 -1.94 9.59 -19.90
N ALA B 49 -0.83 9.52 -20.65
CA ALA B 49 -0.83 8.80 -21.91
C ALA B 49 -1.08 7.31 -21.73
N THR B 50 -0.80 6.78 -20.54
CA THR B 50 -1.04 5.38 -20.26
C THR B 50 -2.42 5.13 -19.66
N TRP B 51 -3.10 6.18 -19.23
CA TRP B 51 -4.40 6.03 -18.60
C TRP B 51 -5.45 5.79 -19.69
N SER B 52 -6.15 4.65 -19.62
CA SER B 52 -7.27 4.43 -20.51
C SER B 52 -8.28 5.55 -20.33
N GLU B 53 -9.16 5.71 -21.34
CA GLU B 53 -10.00 6.89 -21.37
C GLU B 53 -11.15 6.85 -20.37
N ASP B 54 -11.43 5.70 -19.75
CA ASP B 54 -12.37 5.66 -18.63
C ASP B 54 -11.71 5.19 -17.34
N CYS B 55 -10.37 5.21 -17.29
CA CYS B 55 -9.62 4.76 -16.11
C CYS B 55 -10.00 5.57 -14.87
N THR B 56 -10.29 4.85 -13.78
CA THR B 56 -10.66 5.45 -12.50
C THR B 56 -9.52 5.37 -11.51
N GLN B 57 -9.52 6.30 -10.56
CA GLN B 57 -8.54 6.34 -9.47
C GLN B 57 -9.26 6.28 -8.13
N LYS B 58 -8.93 5.28 -7.32
CA LYS B 58 -9.57 5.01 -6.04
C LYS B 58 -8.56 5.11 -4.90
N THR B 59 -8.89 5.90 -3.88
CA THR B 59 -8.03 6.04 -2.71
C THR B 59 -8.37 4.99 -1.65
N LEU B 60 -7.39 4.19 -1.27
CA LEU B 60 -7.50 3.28 -0.14
C LEU B 60 -6.96 3.96 1.12
N PRO B 61 -7.38 3.52 2.34
CA PRO B 61 -8.30 2.41 2.61
C PRO B 61 -9.75 2.71 2.22
N TYR B 62 -10.50 1.67 1.91
CA TYR B 62 -11.93 1.81 1.64
C TYR B 62 -12.63 2.52 2.80
N SER B 63 -12.18 2.24 4.03
CA SER B 63 -12.81 2.80 5.22
C SER B 63 -12.76 4.31 5.26
N HIS B 64 -11.87 4.95 4.50
CA HIS B 64 -11.86 6.40 4.51
C HIS B 64 -12.90 7.00 3.56
N ASN B 65 -13.63 6.18 2.82
CA ASN B 65 -14.80 6.61 2.04
C ASN B 65 -14.47 7.80 1.15
N VAL B 66 -13.36 7.70 0.43
CA VAL B 66 -12.96 8.73 -0.53
C VAL B 66 -13.57 8.38 -1.88
N PRO B 67 -14.32 9.29 -2.51
CA PRO B 67 -15.00 8.96 -3.77
C PRO B 67 -14.00 8.75 -4.88
N ILE B 68 -14.31 7.77 -5.74
CA ILE B 68 -13.55 7.56 -6.96
C ILE B 68 -13.36 8.86 -7.70
N ARG B 69 -12.14 9.07 -8.19
CA ARG B 69 -11.85 10.14 -9.12
C ARG B 69 -11.98 9.57 -10.52
N ASP B 70 -12.87 10.14 -11.34
CA ASP B 70 -13.00 9.62 -12.69
C ASP B 70 -12.10 10.42 -13.64
N ARG B 71 -11.99 9.92 -14.87
CA ARG B 71 -10.99 10.44 -15.81
C ARG B 71 -11.17 11.93 -16.06
N ALA B 72 -12.41 12.40 -16.13
CA ALA B 72 -12.63 13.83 -16.33
C ALA B 72 -12.16 14.62 -15.12
N ASN B 73 -12.46 14.14 -13.92
CA ASN B 73 -11.95 14.77 -12.71
C ASN B 73 -10.42 14.85 -12.75
N THR B 74 -9.79 13.72 -13.06
CA THR B 74 -8.33 13.66 -13.21
C THR B 74 -7.81 14.65 -14.25
N ASN B 75 -8.47 14.74 -15.41
CA ASN B 75 -7.99 15.63 -16.47
C ASN B 75 -8.04 17.09 -16.04
N HIS B 76 -9.06 17.47 -15.28
CA HIS B 76 -9.09 18.83 -14.75
C HIS B 76 -8.09 19.02 -13.62
N LEU B 77 -7.95 18.02 -12.73
CA LEU B 77 -7.10 18.19 -11.56
C LEU B 77 -5.61 18.26 -11.92
N PHE B 78 -5.13 17.30 -12.71
CA PHE B 78 -3.68 17.15 -12.89
C PHE B 78 -2.97 18.41 -13.37
N PRO B 79 -3.50 19.20 -14.31
CA PRO B 79 -2.76 20.41 -14.72
C PRO B 79 -2.59 21.39 -13.59
N ILE B 80 -3.62 21.58 -12.76
CA ILE B 80 -3.46 22.44 -11.59
C ILE B 80 -2.46 21.84 -10.62
N LEU B 81 -2.69 20.58 -10.23
CA LEU B 81 -1.84 19.90 -9.24
C LEU B 81 -0.38 19.96 -9.66
N MET B 82 -0.09 19.62 -10.92
CA MET B 82 1.30 19.59 -11.36
C MET B 82 1.90 20.99 -11.32
N SER B 83 1.09 22.01 -11.55
CA SER B 83 1.60 23.37 -11.64
C SER B 83 2.04 23.92 -10.29
N ILE B 84 1.58 23.36 -9.18
CA ILE B 84 1.99 23.83 -7.86
C ILE B 84 2.94 22.85 -7.19
N MET B 85 3.49 21.91 -7.94
CA MET B 85 4.53 21.06 -7.39
C MET B 85 5.78 21.30 -8.20
N ASP B 86 6.68 22.06 -7.62
CA ASP B 86 7.93 22.41 -8.26
C ASP B 86 9.02 21.48 -7.77
N ASN B 87 9.98 21.20 -8.65
CA ASN B 87 11.09 20.29 -8.34
C ASN B 87 10.58 18.91 -7.96
N PHE B 88 9.58 18.42 -8.70
CA PHE B 88 8.98 17.13 -8.42
C PHE B 88 9.96 16.01 -8.73
N GLN B 89 10.11 15.06 -7.79
CA GLN B 89 10.97 13.91 -7.97
C GLN B 89 10.24 12.63 -7.59
N LEU B 90 10.22 11.65 -8.49
CA LEU B 90 9.67 10.33 -8.23
C LEU B 90 10.80 9.34 -8.01
N LYS B 91 10.63 8.46 -7.03
CA LYS B 91 11.52 7.33 -6.86
C LYS B 91 10.64 6.08 -6.76
N THR B 92 10.94 5.08 -7.58
CA THR B 92 10.23 3.82 -7.56
C THR B 92 11.02 2.81 -6.75
N HIS B 93 10.35 2.16 -5.79
CA HIS B 93 11.05 1.23 -4.91
C HIS B 93 10.80 -0.22 -5.24
N ASN B 94 9.65 -0.54 -5.81
CA ASN B 94 9.24 -1.93 -5.94
C ASN B 94 8.22 -2.02 -7.05
N ILE B 95 8.37 -3.01 -7.93
CA ILE B 95 7.41 -3.29 -8.99
C ILE B 95 7.05 -4.77 -8.89
N VAL B 96 5.79 -5.06 -8.64
CA VAL B 96 5.28 -6.43 -8.56
C VAL B 96 4.38 -6.61 -9.77
N HIS B 97 4.86 -7.38 -10.75
CA HIS B 97 4.11 -7.62 -11.99
C HIS B 97 3.51 -9.03 -11.97
N ASP B 98 2.20 -9.11 -12.21
CA ASP B 98 1.50 -10.38 -12.33
C ASP B 98 0.94 -10.43 -13.74
N ALA B 99 1.80 -10.78 -14.70
CA ALA B 99 1.39 -10.82 -16.11
C ALA B 99 0.18 -11.72 -16.30
N ALA B 100 0.19 -12.91 -15.70
CA ALA B 100 -0.92 -13.84 -15.83
C ALA B 100 -2.26 -13.23 -15.43
N GLU B 101 -2.24 -12.29 -14.49
CA GLU B 101 -3.46 -11.65 -14.02
C GLU B 101 -3.64 -10.24 -14.57
N ASN B 102 -2.77 -9.82 -15.49
CA ASN B 102 -2.90 -8.52 -16.15
C ASN B 102 -2.98 -7.40 -15.12
N LYS B 103 -2.16 -7.52 -14.06
CA LYS B 103 -2.21 -6.71 -12.85
C LYS B 103 -0.81 -6.30 -12.46
N ALA B 104 -0.72 -5.34 -11.54
CA ALA B 104 0.56 -4.99 -10.94
C ALA B 104 0.35 -4.18 -9.67
N ALA B 105 1.42 -4.10 -8.88
CA ALA B 105 1.51 -3.25 -7.71
C ALA B 105 2.87 -2.58 -7.73
N VAL B 106 2.93 -1.28 -7.44
CA VAL B 106 4.20 -0.58 -7.31
C VAL B 106 4.23 0.18 -5.98
N TYR B 107 5.44 0.44 -5.50
CA TYR B 107 5.64 1.33 -4.37
C TYR B 107 6.58 2.45 -4.80
N CYS B 108 6.14 3.68 -4.61
CA CYS B 108 6.86 4.88 -4.97
C CYS B 108 6.86 5.89 -3.83
N SER B 109 7.84 6.79 -3.88
CA SER B 109 7.90 7.92 -2.98
C SER B 109 8.17 9.16 -3.83
N THR B 110 7.76 10.32 -3.29
CA THR B 110 7.84 11.57 -4.02
C THR B 110 8.24 12.69 -3.07
N THR B 111 8.84 13.73 -3.64
CA THR B 111 9.09 14.99 -2.98
C THR B 111 8.78 16.11 -3.97
N ALA B 112 8.46 17.28 -3.44
CA ALA B 112 8.27 18.48 -4.25
C ALA B 112 8.21 19.69 -3.34
N ASP B 113 8.35 20.86 -3.93
CA ASP B 113 8.11 22.13 -3.25
C ASP B 113 6.74 22.62 -3.69
N THR B 114 5.89 22.96 -2.73
CA THR B 114 4.57 23.48 -3.05
C THR B 114 4.39 24.83 -2.41
N PRO B 115 3.40 25.62 -2.86
CA PRO B 115 3.11 26.89 -2.15
C PRO B 115 2.70 26.69 -0.68
N PHE B 116 2.47 25.45 -0.24
CA PHE B 116 2.13 25.15 1.13
C PHE B 116 3.31 24.64 1.92
N GLY B 117 4.51 24.72 1.35
CA GLY B 117 5.69 24.20 1.97
C GLY B 117 6.15 22.93 1.30
N PRO B 118 7.13 22.28 1.90
CA PRO B 118 7.66 21.05 1.30
C PRO B 118 6.62 19.94 1.34
N TYR B 119 6.66 19.08 0.33
CA TYR B 119 5.75 17.97 0.17
C TYR B 119 6.54 16.68 0.10
N THR B 120 6.08 15.66 0.82
CA THR B 120 6.54 14.29 0.64
C THR B 120 5.32 13.39 0.71
N ASN B 121 5.37 12.32 -0.10
CA ASN B 121 4.30 11.34 -0.16
C ASN B 121 4.92 10.01 -0.56
N GLU B 122 4.17 8.94 -0.31
CA GLU B 122 4.60 7.59 -0.69
C GLU B 122 3.35 6.83 -1.09
N HIS B 123 3.45 5.99 -2.12
CA HIS B 123 2.28 5.42 -2.76
C HIS B 123 2.47 3.94 -2.93
N ALA B 124 1.49 3.17 -2.45
CA ALA B 124 1.31 1.76 -2.79
C ALA B 124 0.18 1.73 -3.80
N ILE B 125 0.51 1.48 -5.06
CA ILE B 125 -0.45 1.60 -6.17
C ILE B 125 -0.70 0.23 -6.78
N PHE B 126 -1.97 -0.12 -6.92
CA PHE B 126 -2.38 -1.34 -7.60
C PHE B 126 -2.92 -0.96 -8.96
N LEU B 127 -2.33 -1.54 -10.01
CA LEU B 127 -2.68 -1.24 -11.39
C LEU B 127 -3.36 -2.45 -12.05
N TRP B 128 -4.39 -2.18 -12.85
CA TRP B 128 -4.97 -3.15 -13.75
C TRP B 128 -4.85 -2.61 -15.19
N PHE B 129 -4.50 -3.49 -16.13
CA PHE B 129 -4.39 -3.09 -17.53
C PHE B 129 -5.60 -3.54 -18.33
N ASN B 130 -5.77 -2.91 -19.49
CA ASN B 130 -6.79 -3.34 -20.44
C ASN B 130 -6.34 -4.65 -21.12
N GLU B 131 -7.21 -5.22 -21.97
CA GLU B 131 -6.90 -6.52 -22.58
C GLU B 131 -5.62 -6.47 -23.40
N ALA B 132 -5.42 -5.39 -24.17
CA ALA B 132 -4.22 -5.26 -24.98
C ALA B 132 -2.96 -5.11 -24.14
N GLY B 133 -3.09 -4.80 -22.85
CA GLY B 133 -1.94 -4.53 -22.02
C GLY B 133 -1.22 -3.23 -22.33
N ASP B 134 -1.89 -2.29 -22.99
CA ASP B 134 -1.25 -1.02 -23.35
C ASP B 134 -1.79 0.18 -22.57
N LYS B 135 -3.02 0.12 -22.08
CA LYS B 135 -3.55 1.19 -21.24
C LYS B 135 -3.75 0.68 -19.81
N ILE B 136 -3.86 1.63 -18.88
CA ILE B 136 -4.16 1.32 -17.49
C ILE B 136 -5.62 1.67 -17.26
N VAL B 137 -6.35 0.74 -16.66
CA VAL B 137 -7.80 0.79 -16.61
C VAL B 137 -8.32 1.06 -15.20
N LYS B 138 -7.60 0.67 -14.16
CA LYS B 138 -8.04 0.85 -12.79
C LYS B 138 -6.81 1.18 -11.95
N ILE B 139 -6.98 2.11 -11.02
CA ILE B 139 -5.92 2.48 -10.09
C ILE B 139 -6.51 2.52 -8.68
N GLU B 140 -5.92 1.76 -7.78
CA GLU B 140 -6.21 1.84 -6.35
C GLU B 140 -4.92 2.06 -5.59
N GLU B 141 -4.90 3.06 -4.71
CA GLU B 141 -3.65 3.42 -4.06
C GLU B 141 -3.90 3.81 -2.62
N MET B 142 -2.92 3.47 -1.80
CA MET B 142 -2.82 3.92 -0.43
C MET B 142 -1.60 4.85 -0.36
N PHE B 143 -1.71 5.93 0.40
CA PHE B 143 -0.59 6.89 0.43
C PHE B 143 -0.29 7.29 1.87
N ASP B 144 0.53 8.34 2.02
CA ASP B 144 0.84 8.87 3.33
C ASP B 144 -0.35 9.73 3.74
N GLN B 145 -1.23 9.15 4.54
CA GLN B 145 -2.47 9.79 4.94
C GLN B 145 -2.24 11.04 5.78
N PHE B 146 -1.07 11.17 6.41
CA PHE B 146 -0.78 12.41 7.14
C PHE B 146 -0.38 13.53 6.19
N THR B 147 0.30 13.22 5.08
CA THR B 147 0.49 14.23 4.05
C THR B 147 -0.85 14.70 3.52
N MET B 148 -1.67 13.75 3.07
CA MET B 148 -2.93 14.05 2.41
C MET B 148 -3.95 14.73 3.33
N LYS B 149 -3.94 14.44 4.64
CA LYS B 149 -4.80 15.17 5.56
C LYS B 149 -4.61 16.68 5.44
N ASP B 150 -3.38 17.15 5.31
CA ASP B 150 -3.17 18.59 5.16
C ASP B 150 -3.24 19.03 3.71
N PHE B 151 -2.56 18.29 2.83
CA PHE B 151 -2.43 18.72 1.45
C PHE B 151 -3.79 18.73 0.75
N ALA B 152 -4.56 17.64 0.87
CA ALA B 152 -5.80 17.51 0.08
C ALA B 152 -6.72 18.71 0.23
N PRO B 153 -7.07 19.19 1.43
CA PRO B 153 -7.86 20.43 1.49
C PRO B 153 -7.16 21.63 0.90
N GLN B 154 -5.83 21.72 1.03
CA GLN B 154 -5.13 22.87 0.46
C GLN B 154 -5.24 22.87 -1.05
N LEU B 155 -5.11 21.70 -1.67
CA LEU B 155 -5.23 21.62 -3.12
C LEU B 155 -6.65 21.86 -3.56
N GLU B 156 -7.63 21.38 -2.81
CA GLU B 156 -9.01 21.62 -3.21
C GLU B 156 -9.34 23.11 -3.21
N LYS B 157 -8.89 23.85 -2.18
CA LYS B 157 -9.12 25.28 -2.18
C LYS B 157 -8.31 25.98 -3.28
N TYR B 158 -7.09 25.53 -3.53
CA TYR B 158 -6.30 26.13 -4.60
C TYR B 158 -6.95 25.88 -5.97
N ALA B 159 -7.56 24.70 -6.15
CA ALA B 159 -8.20 24.39 -7.43
C ALA B 159 -9.45 25.24 -7.64
N GLN B 160 -10.26 25.41 -6.60
CA GLN B 160 -11.41 26.30 -6.69
C GLN B 160 -10.96 27.70 -7.10
N PHE B 161 -9.84 28.18 -6.56
CA PHE B 161 -9.38 29.52 -6.88
C PHE B 161 -8.97 29.64 -8.34
N ILE B 162 -8.35 28.59 -8.89
CA ILE B 162 -8.00 28.63 -10.31
C ILE B 162 -9.27 28.67 -11.16
N ASP B 163 -10.26 27.83 -10.83
CA ASP B 163 -11.50 27.81 -11.60
C ASP B 163 -12.20 29.17 -11.57
N LYS B 164 -12.25 29.81 -10.40
CA LYS B 164 -12.81 31.15 -10.29
C LYS B 164 -12.01 32.15 -11.12
N LYS B 165 -10.67 32.14 -10.99
CA LYS B 165 -9.86 33.10 -11.74
C LYS B 165 -10.01 32.91 -13.24
N ASN B 166 -10.15 31.66 -13.70
CA ASN B 166 -10.31 31.42 -15.13
C ASN B 166 -11.67 31.87 -15.63
N ALA B 167 -12.73 31.56 -14.87
CA ALA B 167 -14.09 31.94 -15.26
C ALA B 167 -14.18 33.43 -15.59
N ARG B 168 -13.67 34.27 -14.70
CA ARG B 168 -13.75 35.72 -14.86
C ARG B 168 -12.71 36.27 -15.84
N ALA B 169 -12.11 35.42 -16.67
CA ALA B 169 -11.41 35.88 -17.86
C ALA B 169 -12.08 35.29 -19.10
C14 0BJ C . -0.97 -5.50 12.51
C5 0BJ C . -3.43 -8.15 12.15
C6 0BJ C . 0.02 -8.47 10.49
C11 0BJ C . 0.13 -5.72 10.37
C8 0BJ C . 0.61 -7.86 9.38
C9 0BJ C . 1.17 -8.72 8.25
C10 0BJ C . 0.65 -6.47 9.31
C13 0BJ C . -0.45 -6.32 11.49
C1 0BJ C . -0.50 -7.72 11.54
C15 0BJ C . -0.15 -5.04 13.56
C16 0BJ C . 1.21 -5.30 13.76
C18 0BJ C . 1.91 -4.75 14.83
C19 0BJ C . 1.25 -3.93 15.73
C2 0BJ C . -1.07 -8.40 12.62
C20 0BJ C . -0.10 -3.65 15.56
C21 0BJ C . -0.78 -4.19 14.47
O12 0BJ C . 0.16 -4.36 10.37
O17 0BJ C . 1.89 -6.11 12.89
O22 0BJ C . -2.10 -3.93 14.27
O23 0BJ C . -2.13 -5.13 12.45
O3 0BJ C . -0.52 -9.41 13.09
O4 0BJ C . -2.29 -7.91 13.04
C14 0BJ D . -1.20 12.46 -5.91
C5 0BJ D . 1.79 13.03 -7.54
C6 0BJ D . -0.54 10.27 -8.83
C11 0BJ D . -1.42 10.08 -6.21
C8 0BJ D . -0.86 9.03 -8.30
C9 0BJ D . -0.75 7.76 -9.14
C10 0BJ D . -1.29 8.93 -6.99
C13 0BJ D . -1.10 11.34 -6.74
C1 0BJ D . -0.65 11.43 -8.06
C15 0BJ D . -2.39 13.23 -5.83
C16 0BJ D . -3.55 13.04 -6.61
C18 0BJ D . -4.65 13.87 -6.42
C19 0BJ D . -4.64 14.88 -5.48
C2 0BJ D . -0.30 12.65 -8.66
C20 0BJ D . -3.51 15.09 -4.72
C21 0BJ D . -2.41 14.27 -4.90
O12 0BJ D . -1.86 10.02 -4.91
O17 0BJ D . -3.61 12.05 -7.54
O22 0BJ D . -1.28 14.47 -4.15
O23 0BJ D . -0.25 12.75 -5.19
O3 0BJ D . -0.56 12.85 -9.85
O4 0BJ D . 0.43 13.50 -7.86
#